data_2GRK
#
_entry.id   2GRK
#
_cell.length_a   49.200
_cell.length_b   55.800
_cell.length_c   85.800
_cell.angle_alpha   90.000
_cell.angle_beta   106.300
_cell.angle_gamma   90.000
#
_symmetry.space_group_name_H-M   'P 1 21 1'
#
loop_
_entity.id
_entity.type
_entity.pdbx_description
1 polymer EVM001
2 water water
#
_entity_poly.entity_id   1
_entity_poly.type   'polypeptide(L)'
_entity_poly.pdbx_seq_one_letter_code
;SFASSCTEEENNHHMGIDVIIKVTKQDQTPTNDKICQSVTEVTESEDDGVSEEVVKGDPTTYYTVVGGGLRMNFGFTKCP
QIKSISESADGNTVNARLSSVSPMYGIESPAITHEEALAMINDCAVSINIKCSEEEKDSNIKTHPVLGSNISHKKVRYED
IIGSTIVDIKCVKDLEFSVRIGDMCKEASELEVKDGFKYIDGSVSEGATDDTSLIDSTKLKACVGSLV
;
_entity_poly.pdbx_strand_id   A,B
#
# COMPACT_ATOMS: atom_id res chain seq x y z
N SER A 1 5.64 7.15 36.37
CA SER A 1 4.64 7.91 37.20
C SER A 1 3.21 7.74 36.70
N PHE A 2 2.63 6.57 36.97
CA PHE A 2 1.26 6.28 36.56
C PHE A 2 0.25 6.73 37.61
N ALA A 3 -0.89 7.20 37.13
CA ALA A 3 -1.98 7.64 37.98
C ALA A 3 -3.26 7.36 37.22
N SER A 4 -4.33 7.07 37.94
CA SER A 4 -5.60 6.78 37.30
C SER A 4 -6.54 7.98 37.41
N SER A 5 -5.97 9.15 37.64
CA SER A 5 -6.80 10.34 37.74
C SER A 5 -6.01 11.58 37.40
N CYS A 6 -6.69 12.72 37.31
CA CYS A 6 -6.02 13.98 36.98
C CYS A 6 -5.71 14.84 38.20
N THR A 7 -4.43 15.07 38.43
CA THR A 7 -4.00 15.87 39.57
C THR A 7 -3.26 17.09 39.06
N GLU A 8 -3.07 18.05 39.96
CA GLU A 8 -2.38 19.31 39.64
C GLU A 8 -0.88 19.18 39.88
N GLU A 9 -0.08 19.24 38.82
CA GLU A 9 1.38 19.13 38.95
C GLU A 9 2.15 19.59 37.71
N GLU A 10 3.18 20.41 37.93
CA GLU A 10 3.96 20.93 36.81
C GLU A 10 4.98 19.93 36.29
N ASN A 11 5.31 20.07 35.01
CA ASN A 11 6.24 19.18 34.34
C ASN A 11 5.86 17.73 34.60
N ASN A 12 4.56 17.47 34.60
CA ASN A 12 4.04 16.13 34.80
C ASN A 12 2.78 16.05 33.97
N HIS A 13 2.95 15.63 32.72
CA HIS A 13 1.84 15.55 31.78
C HIS A 13 1.42 14.15 31.35
N HIS A 14 0.11 13.97 31.29
CA HIS A 14 -0.44 12.72 30.84
C HIS A 14 -0.62 12.95 29.35
N MET A 15 0.44 12.71 28.59
CA MET A 15 0.38 12.90 27.15
C MET A 15 -0.34 11.76 26.43
N GLY A 16 -1.16 12.12 25.44
CA GLY A 16 -1.88 11.12 24.69
C GLY A 16 -1.95 11.42 23.19
N ILE A 17 -2.47 10.45 22.44
CA ILE A 17 -2.60 10.60 21.01
C ILE A 17 -3.99 10.09 20.64
N ASP A 18 -4.61 10.78 19.68
CA ASP A 18 -5.96 10.44 19.25
C ASP A 18 -6.04 10.54 17.72
N VAL A 19 -6.25 9.40 17.08
CA VAL A 19 -6.37 9.35 15.64
C VAL A 19 -7.79 9.09 15.16
N ILE A 20 -8.27 9.98 14.29
CA ILE A 20 -9.60 9.87 13.73
C ILE A 20 -9.43 9.74 12.22
N ILE A 21 -10.25 8.91 11.61
CA ILE A 21 -10.14 8.71 10.16
C ILE A 21 -11.47 8.39 9.50
N LYS A 22 -11.74 9.03 8.38
CA LYS A 22 -12.98 8.81 7.65
C LYS A 22 -12.68 8.43 6.20
N VAL A 23 -13.04 7.21 5.83
CA VAL A 23 -12.80 6.71 4.47
C VAL A 23 -14.07 6.58 3.62
N THR A 24 -14.03 7.12 2.41
CA THR A 24 -15.17 7.00 1.50
C THR A 24 -14.80 5.99 0.42
N LYS A 25 -15.35 4.79 0.53
CA LYS A 25 -15.07 3.73 -0.44
C LYS A 25 -15.65 4.03 -1.82
N GLN A 26 -15.12 3.35 -2.84
CA GLN A 26 -15.57 3.51 -4.22
C GLN A 26 -16.96 2.91 -4.36
N ASP A 27 -17.82 3.49 -5.19
CA ASP A 27 -19.17 2.96 -5.39
C ASP A 27 -19.13 1.49 -5.77
N GLN A 28 -18.32 1.19 -6.78
CA GLN A 28 -18.15 -0.15 -7.30
C GLN A 28 -17.51 -1.14 -6.31
N THR A 29 -17.62 -0.86 -5.02
CA THR A 29 -17.06 -1.76 -4.03
C THR A 29 -18.21 -2.50 -3.34
N PRO A 30 -18.02 -3.80 -3.06
CA PRO A 30 -19.05 -4.60 -2.41
C PRO A 30 -19.43 -4.02 -1.04
N THR A 31 -20.69 -4.18 -0.68
CA THR A 31 -21.21 -3.67 0.59
C THR A 31 -20.54 -4.35 1.78
N ASN A 32 -20.28 -3.58 2.82
CA ASN A 32 -19.66 -4.13 4.01
C ASN A 32 -19.63 -3.08 5.13
N ASP A 33 -20.63 -3.15 6.00
CA ASP A 33 -20.75 -2.25 7.14
C ASP A 33 -20.35 -3.03 8.38
N LYS A 34 -19.90 -4.26 8.17
CA LYS A 34 -19.48 -5.14 9.26
C LYS A 34 -18.17 -4.63 9.87
N ILE A 35 -18.28 -3.68 10.78
CA ILE A 35 -17.14 -3.08 11.45
C ILE A 35 -16.62 -3.89 12.63
N CYS A 36 -15.37 -3.68 12.98
CA CYS A 36 -14.74 -4.36 14.10
C CYS A 36 -14.70 -5.88 13.90
N GLN A 37 -14.42 -6.30 12.68
CA GLN A 37 -14.34 -7.72 12.40
C GLN A 37 -13.15 -8.28 13.16
N SER A 38 -12.10 -7.49 13.26
CA SER A 38 -10.90 -7.91 13.99
C SER A 38 -9.92 -6.74 14.17
N VAL A 39 -9.19 -6.80 15.29
CA VAL A 39 -8.21 -5.79 15.64
C VAL A 39 -7.03 -6.51 16.26
N THR A 40 -5.87 -6.43 15.61
CA THR A 40 -4.69 -7.09 16.11
C THR A 40 -3.57 -6.09 16.39
N GLU A 41 -2.74 -6.39 17.38
CA GLU A 41 -1.65 -5.51 17.76
C GLU A 41 -0.35 -6.25 17.51
N VAL A 42 0.69 -5.51 17.12
CA VAL A 42 1.99 -6.12 16.87
C VAL A 42 3.06 -5.04 16.86
N THR A 43 4.18 -5.31 17.51
CA THR A 43 5.27 -4.35 17.58
C THR A 43 6.56 -4.93 17.04
N GLU A 44 7.06 -4.36 15.95
CA GLU A 44 8.30 -4.81 15.33
C GLU A 44 9.04 -3.64 14.67
N SER A 45 10.36 -3.62 14.82
CA SER A 45 11.18 -2.58 14.23
C SER A 45 11.92 -3.14 13.02
N GLU A 46 11.25 -4.01 12.26
CA GLU A 46 11.84 -4.63 11.10
C GLU A 46 13.00 -5.46 11.65
N ASP A 47 12.95 -5.70 12.95
CA ASP A 47 13.97 -6.44 13.70
C ASP A 47 14.05 -7.94 13.49
N ASP A 48 12.98 -8.56 13.01
CA ASP A 48 12.97 -10.01 12.82
C ASP A 48 13.49 -10.59 11.52
N GLY A 49 13.63 -11.92 11.55
CA GLY A 49 14.11 -12.71 10.43
C GLY A 49 14.20 -12.11 9.05
N VAL A 50 15.35 -12.34 8.41
CA VAL A 50 15.62 -11.88 7.05
C VAL A 50 15.97 -10.39 6.96
N SER A 51 15.86 -9.67 8.07
CA SER A 51 16.17 -8.25 8.07
C SER A 51 17.13 -7.89 9.20
N GLU A 52 18.41 -8.22 9.00
CA GLU A 52 19.43 -7.94 9.99
C GLU A 52 20.20 -6.68 9.58
N GLU A 53 20.50 -5.83 10.56
CA GLU A 53 21.23 -4.59 10.29
C GLU A 53 22.12 -4.24 11.47
N VAL A 54 23.16 -3.46 11.23
CA VAL A 54 24.06 -3.06 12.29
C VAL A 54 23.27 -2.21 13.28
N VAL A 55 22.54 -1.22 12.75
CA VAL A 55 21.75 -0.31 13.56
C VAL A 55 20.26 -0.52 13.34
N LYS A 56 19.57 -1.03 14.37
CA LYS A 56 18.13 -1.26 14.29
C LYS A 56 17.36 0.04 14.49
N GLY A 57 16.32 0.24 13.68
CA GLY A 57 15.55 1.46 13.81
C GLY A 57 14.53 1.44 14.94
N ASP A 58 13.80 2.54 15.09
CA ASP A 58 12.78 2.64 16.13
C ASP A 58 11.73 1.56 15.96
N PRO A 59 11.32 0.92 17.07
CA PRO A 59 10.31 -0.12 17.00
C PRO A 59 8.98 0.54 16.64
N THR A 60 8.07 -0.22 16.05
CA THR A 60 6.79 0.33 15.65
C THR A 60 5.63 -0.60 15.90
N THR A 61 4.63 -0.10 16.63
CA THR A 61 3.45 -0.88 16.91
C THR A 61 2.46 -0.67 15.77
N TYR A 62 1.94 -1.76 15.24
CA TYR A 62 0.97 -1.67 14.16
C TYR A 62 -0.38 -2.16 14.64
N TYR A 63 -1.42 -1.46 14.23
CA TYR A 63 -2.76 -1.86 14.60
C TYR A 63 -3.48 -2.10 13.31
N THR A 64 -4.08 -3.27 13.19
CA THR A 64 -4.81 -3.61 11.99
C THR A 64 -6.27 -3.74 12.37
N VAL A 65 -7.08 -2.93 11.71
CA VAL A 65 -8.51 -2.92 11.98
C VAL A 65 -9.21 -3.42 10.74
N VAL A 66 -9.79 -4.61 10.82
CA VAL A 66 -10.50 -5.19 9.68
C VAL A 66 -11.99 -4.98 9.86
N GLY A 67 -12.62 -4.32 8.89
CA GLY A 67 -14.05 -4.06 8.96
C GLY A 67 -14.47 -3.07 7.88
N GLY A 68 -15.77 -2.98 7.63
CA GLY A 68 -16.25 -2.07 6.61
C GLY A 68 -15.65 -2.30 5.22
N GLY A 69 -15.25 -3.54 4.94
CA GLY A 69 -14.67 -3.86 3.65
C GLY A 69 -13.28 -3.29 3.47
N LEU A 70 -12.60 -3.08 4.60
CA LEU A 70 -11.26 -2.53 4.58
C LEU A 70 -10.33 -3.14 5.64
N ARG A 71 -9.04 -3.13 5.32
CA ARG A 71 -8.01 -3.58 6.23
C ARG A 71 -7.20 -2.33 6.51
N MET A 72 -7.39 -1.74 7.69
CA MET A 72 -6.67 -0.53 8.03
C MET A 72 -5.48 -0.82 8.92
N ASN A 73 -4.31 -0.41 8.46
CA ASN A 73 -3.11 -0.62 9.23
C ASN A 73 -2.52 0.73 9.63
N PHE A 74 -2.23 0.89 10.92
CA PHE A 74 -1.66 2.12 11.42
C PHE A 74 -0.36 1.83 12.17
N GLY A 75 0.68 2.58 11.82
CA GLY A 75 1.95 2.35 12.47
C GLY A 75 2.35 3.49 13.35
N PHE A 76 2.50 3.22 14.64
CA PHE A 76 2.89 4.26 15.56
C PHE A 76 4.33 4.00 16.01
N THR A 77 5.17 5.02 15.92
CA THR A 77 6.57 4.93 16.33
C THR A 77 6.85 6.03 17.34
N LYS A 78 7.21 5.65 18.56
CA LYS A 78 7.48 6.61 19.62
C LYS A 78 6.29 7.52 19.85
N CYS A 79 5.13 6.94 20.15
CA CYS A 79 3.94 7.72 20.39
C CYS A 79 3.20 7.25 21.64
N PRO A 80 2.40 8.13 22.26
CA PRO A 80 1.67 7.70 23.45
C PRO A 80 0.99 6.36 23.11
N GLN A 81 0.81 5.50 24.10
CA GLN A 81 0.20 4.22 23.83
C GLN A 81 -1.25 4.32 23.38
N ILE A 82 -1.68 3.37 22.56
CA ILE A 82 -3.05 3.35 22.08
C ILE A 82 -3.80 2.35 22.94
N LYS A 83 -4.88 2.79 23.58
CA LYS A 83 -5.65 1.89 24.44
C LYS A 83 -7.10 1.69 24.02
N SER A 84 -7.58 2.51 23.10
CA SER A 84 -8.95 2.39 22.61
C SER A 84 -8.99 2.45 21.11
N ILE A 85 -9.75 1.55 20.50
CA ILE A 85 -9.89 1.49 19.05
C ILE A 85 -11.35 1.24 18.75
N SER A 86 -12.00 2.22 18.12
CA SER A 86 -13.41 2.10 17.78
C SER A 86 -13.64 2.28 16.29
N GLU A 87 -14.83 1.93 15.82
CA GLU A 87 -15.13 2.06 14.39
C GLU A 87 -16.61 2.24 14.14
N SER A 88 -16.97 2.50 12.89
CA SER A 88 -18.37 2.67 12.54
C SER A 88 -18.50 2.81 11.02
N ALA A 89 -19.66 2.45 10.49
CA ALA A 89 -19.86 2.55 9.05
C ALA A 89 -21.29 2.88 8.71
N ASP A 90 -21.49 3.19 7.43
CA ASP A 90 -22.79 3.51 6.86
C ASP A 90 -22.51 4.02 5.47
N GLY A 91 -23.33 3.61 4.50
CA GLY A 91 -23.12 4.04 3.14
C GLY A 91 -21.83 3.43 2.62
N ASN A 92 -20.98 4.23 2.00
CA ASN A 92 -19.72 3.72 1.50
C ASN A 92 -18.58 4.25 2.36
N THR A 93 -18.94 4.86 3.48
CA THR A 93 -17.95 5.42 4.38
C THR A 93 -17.72 4.56 5.61
N VAL A 94 -16.47 4.57 6.06
CA VAL A 94 -16.06 3.83 7.24
C VAL A 94 -15.18 4.75 8.08
N ASN A 95 -15.55 4.93 9.34
CA ASN A 95 -14.79 5.78 10.25
C ASN A 95 -14.16 4.94 11.33
N ALA A 96 -13.01 5.39 11.80
CA ALA A 96 -12.30 4.68 12.84
C ALA A 96 -11.62 5.71 13.73
N ARG A 97 -11.46 5.37 15.01
CA ARG A 97 -10.82 6.28 15.94
C ARG A 97 -9.92 5.47 16.86
N LEU A 98 -8.63 5.81 16.83
CA LEU A 98 -7.64 5.14 17.64
C LEU A 98 -7.07 6.22 18.58
N SER A 99 -7.01 5.95 19.88
CA SER A 99 -6.47 6.96 20.80
C SER A 99 -5.96 6.37 22.12
N SER A 100 -5.38 7.25 22.94
CA SER A 100 -4.90 6.89 24.27
C SER A 100 -6.16 7.08 25.12
N VAL A 101 -6.08 6.74 26.41
CA VAL A 101 -7.23 6.91 27.30
C VAL A 101 -6.85 7.82 28.47
N SER A 102 -7.63 8.87 28.67
CA SER A 102 -7.38 9.84 29.75
C SER A 102 -7.61 9.34 31.16
N PRO A 103 -6.80 9.79 32.12
CA PRO A 103 -6.96 9.36 33.51
C PRO A 103 -8.34 9.79 34.01
N MET A 104 -9.00 10.63 33.21
CA MET A 104 -10.34 11.13 33.54
C MET A 104 -11.37 10.01 33.52
N TYR A 105 -11.12 8.98 32.72
CA TYR A 105 -12.05 7.87 32.66
C TYR A 105 -11.72 6.88 33.75
N GLY A 106 -10.60 7.11 34.44
CA GLY A 106 -10.21 6.22 35.51
C GLY A 106 -9.16 5.23 35.06
N ILE A 107 -8.64 5.39 33.86
CA ILE A 107 -7.59 4.51 33.34
C ILE A 107 -6.24 5.14 33.69
N GLU A 108 -5.26 4.32 34.06
CA GLU A 108 -3.99 4.90 34.40
C GLU A 108 -3.10 5.01 33.17
N SER A 109 -2.29 6.06 33.14
CA SER A 109 -1.39 6.30 32.03
C SER A 109 -0.18 7.04 32.58
N PRO A 110 0.94 7.00 31.85
CA PRO A 110 2.18 7.67 32.28
C PRO A 110 2.07 9.17 32.18
N ALA A 111 2.73 9.87 33.10
CA ALA A 111 2.77 11.32 33.13
C ALA A 111 4.24 11.62 32.90
N ILE A 112 4.54 12.40 31.86
CA ILE A 112 5.91 12.71 31.52
C ILE A 112 6.22 14.20 31.65
N THR A 113 7.50 14.51 31.81
CA THR A 113 7.91 15.90 31.95
C THR A 113 7.53 16.71 30.72
N HIS A 114 7.61 18.04 30.85
CA HIS A 114 7.30 18.96 29.77
C HIS A 114 8.33 18.81 28.65
N GLU A 115 9.55 18.46 29.05
CA GLU A 115 10.66 18.28 28.11
C GLU A 115 10.54 16.93 27.40
N GLU A 116 10.25 15.89 28.17
CA GLU A 116 10.08 14.56 27.61
C GLU A 116 8.93 14.56 26.61
N ALA A 117 7.93 15.39 26.88
CA ALA A 117 6.75 15.47 26.04
C ALA A 117 7.07 16.19 24.73
N LEU A 118 7.95 17.17 24.78
CA LEU A 118 8.32 17.90 23.58
C LEU A 118 9.11 17.01 22.61
N ALA A 119 9.91 16.11 23.17
CA ALA A 119 10.71 15.20 22.35
C ALA A 119 9.79 14.17 21.70
N MET A 120 8.88 13.63 22.50
CA MET A 120 7.91 12.66 22.03
C MET A 120 7.16 13.29 20.85
N ILE A 121 6.72 14.52 21.03
CA ILE A 121 5.99 15.24 19.99
C ILE A 121 6.84 15.29 18.73
N ASN A 122 8.16 15.37 18.91
CA ASN A 122 9.05 15.46 17.76
C ASN A 122 9.31 14.11 17.09
N ASP A 123 9.40 13.06 17.89
CA ASP A 123 9.66 11.72 17.37
C ASP A 123 8.42 10.97 16.90
N CYS A 124 7.36 11.05 17.68
CA CYS A 124 6.12 10.36 17.31
C CYS A 124 5.74 10.56 15.84
N ALA A 125 5.49 9.44 15.16
CA ALA A 125 5.11 9.44 13.76
C ALA A 125 4.08 8.33 13.52
N VAL A 126 3.05 8.64 12.74
CA VAL A 126 1.98 7.68 12.44
C VAL A 126 1.96 7.32 10.97
N SER A 127 1.98 6.02 10.67
CA SER A 127 1.92 5.59 9.28
C SER A 127 0.54 5.05 8.96
N ILE A 128 0.13 5.19 7.70
CA ILE A 128 -1.18 4.72 7.24
C ILE A 128 -1.14 3.83 6.00
N ASN A 129 -1.74 2.65 6.13
CA ASN A 129 -1.83 1.68 5.05
C ASN A 129 -3.28 1.19 5.01
N ILE A 130 -3.96 1.36 3.89
CA ILE A 130 -5.35 0.92 3.79
C ILE A 130 -5.62 0.03 2.58
N LYS A 131 -5.94 -1.24 2.86
CA LYS A 131 -6.22 -2.24 1.82
C LYS A 131 -7.68 -2.72 1.82
N CYS A 132 -8.09 -3.36 0.74
CA CYS A 132 -9.46 -3.86 0.64
C CYS A 132 -9.61 -5.18 1.39
N SER A 133 -10.82 -5.43 1.89
CA SER A 133 -11.09 -6.66 2.62
C SER A 133 -12.39 -7.25 2.10
N GLU A 134 -12.42 -8.57 1.99
CA GLU A 134 -13.62 -9.28 1.52
C GLU A 134 -14.27 -9.91 2.73
N GLU A 135 -13.54 -9.86 3.86
CA GLU A 135 -13.97 -10.44 5.14
C GLU A 135 -15.47 -10.24 5.39
N GLU A 136 -16.15 -11.33 5.69
CA GLU A 136 -17.58 -11.27 5.93
C GLU A 136 -18.04 -11.67 7.31
N LYS A 137 -17.12 -12.05 8.21
CA LYS A 137 -17.53 -12.44 9.56
C LYS A 137 -18.31 -11.32 10.25
N ASP A 138 -18.86 -11.65 11.43
CA ASP A 138 -19.64 -10.71 12.22
C ASP A 138 -18.75 -9.72 13.00
N SER A 139 -19.30 -8.53 13.28
CA SER A 139 -18.59 -7.52 14.04
C SER A 139 -18.32 -8.10 15.42
N ASN A 140 -17.12 -7.89 15.95
CA ASN A 140 -16.79 -8.36 17.28
C ASN A 140 -16.63 -7.13 18.18
N ILE A 141 -17.77 -6.48 18.41
CA ILE A 141 -17.91 -5.28 19.23
C ILE A 141 -17.86 -5.53 20.75
N LYS A 142 -17.27 -4.59 21.50
CA LYS A 142 -17.19 -4.71 22.96
C LYS A 142 -18.55 -4.43 23.60
N THR A 143 -18.73 -4.85 24.84
CA THR A 143 -19.98 -4.64 25.57
C THR A 143 -20.05 -3.26 26.22
N HIS A 144 -18.89 -2.72 26.60
CA HIS A 144 -18.82 -1.42 27.25
C HIS A 144 -18.61 -0.28 26.25
N PRO A 145 -18.98 0.96 26.63
CA PRO A 145 -18.87 2.15 25.79
C PRO A 145 -17.43 2.50 25.42
N VAL A 146 -17.28 3.34 24.41
CA VAL A 146 -15.95 3.74 23.97
C VAL A 146 -15.34 4.73 24.97
N LEU A 147 -14.12 4.46 25.40
CA LEU A 147 -13.43 5.36 26.33
C LEU A 147 -12.64 6.33 25.45
N GLY A 148 -12.40 7.55 25.94
CA GLY A 148 -11.71 8.54 25.13
C GLY A 148 -10.38 9.05 25.64
N SER A 149 -9.72 9.83 24.79
CA SER A 149 -8.41 10.40 25.10
C SER A 149 -8.57 11.74 25.81
N ASN A 150 -9.77 12.31 25.68
CA ASN A 150 -10.10 13.59 26.29
C ASN A 150 -9.41 14.73 25.54
N ILE A 151 -8.98 14.45 24.31
CA ILE A 151 -8.30 15.42 23.44
C ILE A 151 -9.21 15.74 22.26
N SER A 152 -9.49 17.01 22.01
CA SER A 152 -10.36 17.39 20.90
C SER A 152 -9.58 17.73 19.63
N HIS A 153 -10.22 17.56 18.47
CA HIS A 153 -9.56 17.84 17.22
C HIS A 153 -9.76 19.27 16.72
N LYS A 154 -9.42 20.22 17.58
CA LYS A 154 -9.52 21.65 17.26
C LYS A 154 -8.24 22.05 16.54
N LYS A 155 -8.26 23.17 15.83
CA LYS A 155 -7.05 23.61 15.16
C LYS A 155 -6.05 24.10 16.20
N VAL A 156 -4.83 23.58 16.13
CA VAL A 156 -3.77 23.95 17.06
C VAL A 156 -2.43 23.87 16.34
N ARG A 157 -1.34 24.16 17.04
CA ARG A 157 -0.03 24.12 16.43
C ARG A 157 0.17 22.87 15.56
N TYR A 158 0.69 23.09 14.37
CA TYR A 158 0.98 22.05 13.41
C TYR A 158 2.25 21.27 13.76
N GLU A 159 2.24 19.97 13.50
CA GLU A 159 3.42 19.15 13.78
C GLU A 159 3.51 18.03 12.78
N ASP A 160 4.64 17.96 12.06
CA ASP A 160 4.83 16.90 11.09
C ASP A 160 4.81 15.58 11.86
N ILE A 161 3.65 14.94 11.87
CA ILE A 161 3.45 13.68 12.57
C ILE A 161 3.18 12.54 11.58
N ILE A 162 2.21 12.77 10.70
CA ILE A 162 1.78 11.79 9.70
C ILE A 162 2.89 11.47 8.70
N GLY A 163 3.16 10.17 8.51
CA GLY A 163 4.19 9.77 7.58
C GLY A 163 3.59 9.26 6.27
N SER A 164 4.07 8.11 5.82
CA SER A 164 3.59 7.50 4.57
C SER A 164 2.11 7.12 4.64
N THR A 165 1.38 7.47 3.58
CA THR A 165 -0.05 7.18 3.48
C THR A 165 -0.29 6.37 2.22
N ILE A 166 -0.41 5.06 2.38
CA ILE A 166 -0.61 4.17 1.24
C ILE A 166 -2.00 3.54 1.20
N VAL A 167 -2.65 3.61 0.04
CA VAL A 167 -4.02 3.07 -0.10
C VAL A 167 -4.35 2.37 -1.41
N ASP A 168 -5.19 1.34 -1.33
CA ASP A 168 -5.60 0.64 -2.53
C ASP A 168 -6.76 1.39 -3.18
N ILE A 169 -6.44 2.19 -4.19
CA ILE A 169 -7.42 2.98 -4.92
C ILE A 169 -8.64 2.22 -5.42
N LYS A 170 -8.53 0.89 -5.53
CA LYS A 170 -9.67 0.10 -5.99
C LYS A 170 -10.87 0.35 -5.09
N CYS A 171 -10.71 0.11 -3.80
CA CYS A 171 -11.80 0.32 -2.84
C CYS A 171 -11.81 1.69 -2.14
N VAL A 172 -10.67 2.38 -2.09
CA VAL A 172 -10.59 3.69 -1.42
C VAL A 172 -10.69 4.92 -2.34
N LYS A 173 -11.78 5.68 -2.21
CA LYS A 173 -11.97 6.88 -3.03
C LYS A 173 -11.38 8.13 -2.38
N ASP A 174 -12.02 8.57 -1.29
CA ASP A 174 -11.57 9.73 -0.54
C ASP A 174 -11.09 9.30 0.85
N LEU A 175 -10.29 10.14 1.48
CA LEU A 175 -9.79 9.81 2.82
C LEU A 175 -9.42 11.05 3.63
N GLU A 176 -10.01 11.21 4.80
CA GLU A 176 -9.68 12.34 5.65
C GLU A 176 -9.07 11.87 6.96
N PHE A 177 -7.96 12.49 7.37
CA PHE A 177 -7.22 12.08 8.58
C PHE A 177 -6.81 13.24 9.50
N SER A 178 -6.85 13.00 10.80
CA SER A 178 -6.48 14.01 11.79
C SER A 178 -5.78 13.38 13.00
N VAL A 179 -4.57 13.85 13.33
CA VAL A 179 -3.85 13.33 14.48
C VAL A 179 -3.63 14.42 15.52
N ARG A 180 -3.91 14.12 16.78
CA ARG A 180 -3.75 15.07 17.87
C ARG A 180 -2.90 14.53 19.02
N ILE A 181 -1.94 15.33 19.46
CA ILE A 181 -1.12 14.95 20.60
C ILE A 181 -1.27 16.09 21.60
N GLY A 182 -1.45 15.76 22.86
CA GLY A 182 -1.63 16.79 23.87
C GLY A 182 -1.87 16.21 25.25
N ASP A 183 -2.18 17.07 26.19
CA ASP A 183 -2.41 16.68 27.57
C ASP A 183 -3.83 16.17 27.71
N MET A 184 -3.98 14.98 28.30
CA MET A 184 -5.30 14.36 28.47
C MET A 184 -6.05 14.76 29.72
N CYS A 185 -5.48 15.71 30.46
CA CYS A 185 -6.10 16.17 31.70
C CYS A 185 -6.43 17.64 31.58
N LYS A 186 -5.55 18.37 30.92
CA LYS A 186 -5.73 19.80 30.75
C LYS A 186 -4.79 20.30 29.66
N GLU A 187 -5.37 20.91 28.63
CA GLU A 187 -4.57 21.41 27.52
C GLU A 187 -3.41 22.29 27.97
N ALA A 188 -2.22 21.94 27.50
CA ALA A 188 -0.99 22.67 27.79
C ALA A 188 -0.53 23.35 26.50
N SER A 189 -1.01 24.57 26.29
CA SER A 189 -0.72 25.39 25.12
C SER A 189 0.44 24.98 24.21
N GLU A 190 1.64 24.81 24.78
CA GLU A 190 2.83 24.45 24.02
C GLU A 190 2.97 22.96 23.68
N LEU A 191 2.16 22.10 24.31
CA LEU A 191 2.28 20.68 24.06
C LEU A 191 1.09 20.13 23.28
N GLU A 192 0.27 21.03 22.75
CA GLU A 192 -0.90 20.65 21.96
C GLU A 192 -0.55 20.83 20.47
N VAL A 193 -0.49 19.72 19.74
CA VAL A 193 -0.19 19.75 18.31
C VAL A 193 -1.15 18.89 17.53
N LYS A 194 -1.07 18.97 16.21
CA LYS A 194 -1.97 18.22 15.34
C LYS A 194 -1.43 18.15 13.91
N ASP A 195 -1.78 17.08 13.22
CA ASP A 195 -1.42 16.92 11.81
C ASP A 195 -2.67 16.34 11.15
N GLY A 196 -2.80 16.50 9.85
CA GLY A 196 -3.96 15.96 9.16
C GLY A 196 -3.88 16.23 7.67
N PHE A 197 -4.72 15.56 6.90
CA PHE A 197 -4.75 15.78 5.47
C PHE A 197 -6.11 15.40 4.92
N LYS A 198 -6.44 15.92 3.74
CA LYS A 198 -7.72 15.61 3.14
C LYS A 198 -7.50 15.16 1.71
N TYR A 199 -7.59 13.85 1.51
CA TYR A 199 -7.41 13.28 0.19
C TYR A 199 -8.80 13.19 -0.46
N ILE A 200 -9.14 14.19 -1.26
CA ILE A 200 -10.43 14.25 -1.92
C ILE A 200 -10.30 14.42 -3.44
N ASP A 201 -11.00 13.59 -4.18
CA ASP A 201 -10.93 13.62 -5.65
C ASP A 201 -9.51 13.46 -6.17
N GLY A 202 -8.70 12.65 -5.49
CA GLY A 202 -7.34 12.42 -5.93
C GLY A 202 -6.36 13.52 -5.56
N SER A 203 -6.83 14.49 -4.78
CA SER A 203 -5.99 15.60 -4.36
C SER A 203 -5.75 15.63 -2.85
N VAL A 204 -4.54 15.99 -2.46
CA VAL A 204 -4.18 16.05 -1.05
C VAL A 204 -3.99 17.45 -0.53
N SER A 205 -4.66 17.76 0.56
CA SER A 205 -4.50 19.05 1.20
C SER A 205 -4.00 18.68 2.60
N GLU A 206 -2.97 19.39 3.06
CA GLU A 206 -2.38 19.14 4.36
C GLU A 206 -2.46 20.33 5.29
N GLY A 207 -2.17 20.10 6.56
CA GLY A 207 -2.19 21.19 7.52
C GLY A 207 -3.19 21.00 8.63
N ALA A 208 -2.97 21.72 9.73
CA ALA A 208 -3.84 21.66 10.89
C ALA A 208 -5.11 22.45 10.57
N THR A 209 -6.25 21.89 10.99
CA THR A 209 -7.54 22.53 10.77
C THR A 209 -8.51 21.94 11.78
N ASP A 210 -9.62 22.63 12.04
CA ASP A 210 -10.59 22.11 13.00
C ASP A 210 -11.31 20.87 12.45
N ASP A 211 -11.21 19.77 13.18
CA ASP A 211 -11.85 18.52 12.78
C ASP A 211 -12.74 17.91 13.84
N THR A 212 -13.33 18.76 14.67
CA THR A 212 -14.23 18.33 15.75
C THR A 212 -15.48 17.67 15.20
N SER A 213 -15.73 17.88 13.91
CA SER A 213 -16.90 17.30 13.27
C SER A 213 -16.55 16.46 12.06
N LEU A 214 -15.34 15.88 12.06
CA LEU A 214 -14.95 15.06 10.94
C LEU A 214 -15.87 13.84 10.97
N ILE A 215 -16.03 13.26 12.17
CA ILE A 215 -16.91 12.13 12.34
C ILE A 215 -17.80 12.32 13.55
N ASP A 216 -18.95 11.63 13.54
CA ASP A 216 -19.87 11.68 14.66
C ASP A 216 -19.34 10.56 15.54
N SER A 217 -18.75 10.91 16.68
CA SER A 217 -18.19 9.87 17.53
C SER A 217 -19.21 9.02 18.26
N THR A 218 -20.39 9.58 18.54
CA THR A 218 -21.42 8.83 19.22
C THR A 218 -21.77 7.51 18.49
N LYS A 219 -21.47 7.44 17.20
CA LYS A 219 -21.75 6.26 16.40
C LYS A 219 -20.69 5.16 16.52
N LEU A 220 -19.49 5.56 16.92
CA LEU A 220 -18.39 4.60 17.08
C LEU A 220 -18.71 3.41 18.00
N LYS A 221 -18.11 2.26 17.69
CA LYS A 221 -18.27 1.03 18.47
C LYS A 221 -16.89 0.53 18.85
N ALA A 222 -16.70 0.13 20.11
CA ALA A 222 -15.40 -0.35 20.56
C ALA A 222 -15.08 -1.71 19.98
N CYS A 223 -13.92 -1.82 19.33
CA CYS A 223 -13.50 -3.09 18.75
C CYS A 223 -12.73 -3.94 19.77
N VAL A 224 -12.93 -5.26 19.73
CA VAL A 224 -12.23 -6.18 20.64
C VAL A 224 -10.92 -6.63 20.02
N GLY A 225 -9.84 -6.61 20.82
CA GLY A 225 -8.54 -7.01 20.34
C GLY A 225 -8.35 -8.51 20.36
N SER A 226 -7.49 -9.01 19.50
CA SER A 226 -7.22 -10.42 19.42
C SER A 226 -5.77 -10.66 19.01
N LEU A 227 -5.41 -11.90 18.69
CA LEU A 227 -4.04 -12.22 18.29
C LEU A 227 -3.95 -13.46 17.42
N VAL A 228 -2.83 -13.58 16.69
CA VAL A 228 -2.59 -14.74 15.82
C VAL A 228 -3.79 -15.05 14.95
N SER B 1 10.23 -29.95 -21.52
CA SER B 1 10.28 -29.35 -22.89
C SER B 1 10.64 -27.86 -22.83
N PHE B 2 11.80 -27.53 -23.39
CA PHE B 2 12.28 -26.15 -23.42
C PHE B 2 12.81 -25.81 -24.80
N ALA B 3 11.92 -25.50 -25.73
CA ALA B 3 12.31 -25.16 -27.09
C ALA B 3 12.93 -23.76 -27.11
N SER B 4 14.24 -23.69 -27.23
CA SER B 4 14.94 -22.41 -27.25
C SER B 4 14.58 -21.59 -28.49
N SER B 5 13.56 -22.02 -29.22
CA SER B 5 13.12 -21.32 -30.42
C SER B 5 11.61 -21.46 -30.67
N CYS B 6 11.11 -20.73 -31.65
CA CYS B 6 9.69 -20.76 -31.98
C CYS B 6 9.33 -21.72 -33.13
N THR B 7 8.99 -22.96 -32.79
CA THR B 7 8.62 -23.95 -33.80
C THR B 7 7.13 -24.21 -33.75
N GLU B 8 6.52 -24.40 -34.91
CA GLU B 8 5.09 -24.65 -35.00
C GLU B 8 4.77 -26.06 -34.48
N GLU B 9 3.81 -26.13 -33.55
CA GLU B 9 3.40 -27.40 -32.98
C GLU B 9 2.05 -27.28 -32.30
N GLU B 10 1.25 -28.34 -32.37
CA GLU B 10 -0.07 -28.33 -31.77
C GLU B 10 0.02 -28.31 -30.25
N ASN B 11 -0.96 -27.66 -29.63
CA ASN B 11 -1.05 -27.52 -28.17
C ASN B 11 0.27 -27.40 -27.41
N ASN B 12 1.25 -26.76 -28.03
CA ASN B 12 2.55 -26.53 -27.39
C ASN B 12 2.72 -25.01 -27.50
N HIS B 13 2.72 -24.34 -26.35
CA HIS B 13 2.84 -22.89 -26.36
C HIS B 13 3.88 -22.32 -25.41
N HIS B 14 4.53 -21.24 -25.86
CA HIS B 14 5.52 -20.56 -25.05
C HIS B 14 4.79 -19.38 -24.43
N MET B 15 4.19 -19.62 -23.27
CA MET B 15 3.44 -18.59 -22.58
C MET B 15 4.33 -17.56 -21.88
N GLY B 16 3.96 -16.31 -22.05
CA GLY B 16 4.69 -15.22 -21.43
C GLY B 16 3.72 -14.18 -20.93
N ILE B 17 4.21 -13.24 -20.14
CA ILE B 17 3.37 -12.17 -19.61
C ILE B 17 4.05 -10.83 -19.86
N ASP B 18 3.24 -9.80 -20.08
CA ASP B 18 3.80 -8.48 -20.35
C ASP B 18 3.06 -7.42 -19.51
N VAL B 19 3.81 -6.67 -18.73
CA VAL B 19 3.25 -5.64 -17.85
C VAL B 19 3.75 -4.24 -18.20
N ILE B 20 2.81 -3.34 -18.46
CA ILE B 20 3.12 -1.96 -18.81
C ILE B 20 2.45 -0.95 -17.87
N ILE B 21 3.25 -0.14 -17.19
CA ILE B 21 2.69 0.85 -16.27
C ILE B 21 3.21 2.28 -16.52
N LYS B 22 2.29 3.22 -16.48
CA LYS B 22 2.58 4.63 -16.71
C LYS B 22 2.10 5.36 -15.46
N VAL B 23 3.05 5.90 -14.71
CA VAL B 23 2.74 6.59 -13.47
C VAL B 23 2.99 8.08 -13.54
N THR B 24 1.96 8.85 -13.23
CA THR B 24 2.11 10.30 -13.24
C THR B 24 2.32 10.77 -11.81
N LYS B 25 3.50 11.33 -11.54
CA LYS B 25 3.83 11.80 -10.21
C LYS B 25 3.19 13.15 -9.90
N GLN B 26 3.24 13.55 -8.63
CA GLN B 26 2.69 14.82 -8.21
C GLN B 26 3.65 15.90 -8.69
N ASP B 27 3.16 17.14 -8.80
CA ASP B 27 3.99 18.23 -9.26
C ASP B 27 5.08 18.58 -8.25
N GLN B 28 4.67 18.70 -6.98
CA GLN B 28 5.57 19.05 -5.89
C GLN B 28 6.76 18.10 -5.75
N THR B 29 6.53 16.82 -5.99
CA THR B 29 7.59 15.82 -5.88
C THR B 29 8.83 16.27 -6.65
N PRO B 30 9.99 16.31 -5.96
CA PRO B 30 11.25 16.73 -6.58
C PRO B 30 11.49 16.11 -7.95
N THR B 31 12.35 16.76 -8.73
CA THR B 31 12.70 16.31 -10.06
C THR B 31 13.62 15.09 -10.02
N ASN B 32 13.17 14.00 -10.63
CA ASN B 32 13.97 12.78 -10.67
C ASN B 32 13.57 11.93 -11.87
N ASP B 33 14.43 11.91 -12.88
CA ASP B 33 14.19 11.13 -14.09
C ASP B 33 15.26 10.07 -14.28
N LYS B 34 15.92 9.70 -13.18
CA LYS B 34 16.96 8.69 -13.22
C LYS B 34 16.36 7.29 -13.13
N ILE B 35 15.99 6.76 -14.29
CA ILE B 35 15.38 5.44 -14.40
C ILE B 35 16.38 4.33 -14.14
N CYS B 36 15.87 3.16 -13.79
CA CYS B 36 16.71 1.99 -13.55
C CYS B 36 17.82 2.21 -12.53
N GLN B 37 17.50 2.87 -11.43
CA GLN B 37 18.51 3.07 -10.41
C GLN B 37 18.90 1.72 -9.83
N SER B 38 17.89 0.87 -9.57
CA SER B 38 18.14 -0.47 -9.04
C SER B 38 16.95 -1.42 -9.27
N VAL B 39 17.23 -2.72 -9.32
CA VAL B 39 16.21 -3.74 -9.51
C VAL B 39 16.44 -4.92 -8.60
N THR B 40 15.50 -5.16 -7.69
CA THR B 40 15.63 -6.28 -6.77
C THR B 40 14.62 -7.37 -7.05
N GLU B 41 14.93 -8.58 -6.58
CA GLU B 41 14.05 -9.69 -6.78
C GLU B 41 13.98 -10.51 -5.51
N VAL B 42 12.77 -10.70 -5.01
CA VAL B 42 12.56 -11.51 -3.81
C VAL B 42 11.38 -12.41 -4.12
N THR B 43 11.51 -13.67 -3.74
CA THR B 43 10.45 -14.66 -3.93
C THR B 43 10.13 -15.30 -2.52
N GLU B 44 8.94 -15.02 -2.00
CA GLU B 44 8.49 -15.49 -0.67
C GLU B 44 6.99 -15.66 -0.57
N SER B 45 6.55 -16.82 -0.06
CA SER B 45 5.13 -17.12 0.12
C SER B 45 4.74 -16.81 1.55
N GLU B 46 5.32 -15.71 2.05
CA GLU B 46 5.13 -15.22 3.41
C GLU B 46 5.65 -16.38 4.25
N ASP B 47 6.49 -17.19 3.61
CA ASP B 47 7.09 -18.40 4.17
C ASP B 47 8.15 -18.26 5.27
N ASP B 48 8.84 -17.13 5.34
CA ASP B 48 9.92 -16.98 6.34
C ASP B 48 9.58 -16.38 7.71
N GLY B 49 10.57 -16.46 8.61
CA GLY B 49 10.47 -15.97 9.97
C GLY B 49 9.27 -15.16 10.44
N VAL B 50 8.74 -15.55 11.59
CA VAL B 50 7.58 -14.91 12.23
C VAL B 50 6.24 -15.15 11.54
N SER B 51 6.25 -15.79 10.38
CA SER B 51 5.01 -16.09 9.66
C SER B 51 4.84 -17.60 9.38
N GLU B 52 4.56 -18.36 10.44
CA GLU B 52 4.36 -19.80 10.34
C GLU B 52 2.86 -20.12 10.24
N GLU B 53 2.53 -21.01 9.31
CA GLU B 53 1.15 -21.44 9.06
C GLU B 53 1.09 -22.93 8.72
N VAL B 54 -0.03 -23.57 9.04
CA VAL B 54 -0.24 -24.99 8.75
C VAL B 54 -0.24 -25.17 7.21
N VAL B 55 -0.80 -24.19 6.51
CA VAL B 55 -0.88 -24.22 5.04
C VAL B 55 -0.24 -23.00 4.37
N LYS B 56 0.99 -23.19 3.89
CA LYS B 56 1.77 -22.18 3.20
C LYS B 56 0.96 -21.74 1.95
N GLY B 57 1.05 -20.47 1.57
CA GLY B 57 0.33 -20.00 0.40
C GLY B 57 1.22 -19.93 -0.83
N ASP B 58 0.62 -19.66 -1.99
CA ASP B 58 1.39 -19.56 -3.23
C ASP B 58 2.54 -18.55 -3.15
N PRO B 59 3.75 -18.99 -3.49
CA PRO B 59 4.93 -18.13 -3.46
C PRO B 59 4.78 -16.99 -4.45
N THR B 60 5.04 -15.76 -4.00
CA THR B 60 4.92 -14.61 -4.87
C THR B 60 6.29 -13.99 -5.14
N THR B 61 6.63 -13.83 -6.41
CA THR B 61 7.90 -13.22 -6.79
C THR B 61 7.68 -11.72 -6.92
N TYR B 62 8.42 -10.95 -6.12
CA TYR B 62 8.28 -9.52 -6.16
C TYR B 62 9.44 -8.85 -6.87
N TYR B 63 9.10 -7.86 -7.68
CA TYR B 63 10.10 -7.08 -8.39
C TYR B 63 9.96 -5.62 -7.98
N THR B 64 10.99 -5.09 -7.33
CA THR B 64 11.00 -3.71 -6.88
C THR B 64 11.90 -2.89 -7.78
N VAL B 65 11.30 -2.02 -8.60
CA VAL B 65 12.10 -1.20 -9.49
C VAL B 65 12.16 0.19 -8.89
N VAL B 66 13.37 0.66 -8.63
CA VAL B 66 13.59 1.98 -8.06
C VAL B 66 14.14 2.91 -9.13
N GLY B 67 13.39 3.96 -9.43
CA GLY B 67 13.83 4.90 -10.45
C GLY B 67 12.87 6.05 -10.68
N GLY B 68 13.37 7.14 -11.24
CA GLY B 68 12.53 8.30 -11.50
C GLY B 68 11.79 8.78 -10.27
N GLY B 69 12.39 8.56 -9.11
CA GLY B 69 11.77 8.98 -7.86
C GLY B 69 10.68 8.03 -7.37
N LEU B 70 10.61 6.83 -7.92
CA LEU B 70 9.59 5.86 -7.49
C LEU B 70 10.17 4.52 -7.15
N ARG B 71 9.49 3.82 -6.24
CA ARG B 71 9.86 2.47 -5.81
C ARG B 71 8.69 1.63 -6.25
N MET B 72 8.74 1.14 -7.49
CA MET B 72 7.66 0.33 -8.02
C MET B 72 7.86 -1.15 -7.73
N ASN B 73 6.98 -1.71 -6.92
CA ASN B 73 7.03 -3.13 -6.58
C ASN B 73 5.91 -3.87 -7.32
N PHE B 74 6.24 -5.01 -7.93
CA PHE B 74 5.26 -5.81 -8.67
C PHE B 74 5.30 -7.25 -8.16
N GLY B 75 4.14 -7.78 -7.78
CA GLY B 75 4.10 -9.14 -7.27
C GLY B 75 3.41 -10.15 -8.16
N PHE B 76 4.18 -11.11 -8.68
CA PHE B 76 3.62 -12.14 -9.56
C PHE B 76 3.39 -13.43 -8.80
N THR B 77 2.19 -13.98 -8.91
CA THR B 77 1.84 -15.24 -8.25
C THR B 77 1.41 -16.27 -9.30
N LYS B 78 2.32 -17.19 -9.61
CA LYS B 78 2.06 -18.25 -10.60
C LYS B 78 1.84 -17.75 -12.02
N CYS B 79 2.75 -16.91 -12.48
CA CYS B 79 2.68 -16.36 -13.83
C CYS B 79 3.98 -16.72 -14.54
N PRO B 80 4.07 -16.44 -15.85
CA PRO B 80 5.31 -16.76 -16.54
C PRO B 80 6.41 -15.93 -15.88
N GLN B 81 7.61 -16.49 -15.78
CA GLN B 81 8.72 -15.79 -15.16
C GLN B 81 9.08 -14.53 -15.95
N ILE B 82 9.46 -13.48 -15.22
CA ILE B 82 9.85 -12.20 -15.80
C ILE B 82 11.36 -12.18 -16.06
N LYS B 83 11.76 -11.70 -17.24
CA LYS B 83 13.18 -11.63 -17.54
C LYS B 83 13.62 -10.38 -18.29
N SER B 84 12.71 -9.43 -18.42
CA SER B 84 13.01 -8.18 -19.10
C SER B 84 12.42 -7.00 -18.32
N ILE B 85 13.30 -6.14 -17.83
CA ILE B 85 12.86 -4.99 -17.07
C ILE B 85 13.48 -3.74 -17.71
N SER B 86 12.63 -2.91 -18.29
CA SER B 86 13.06 -1.67 -18.94
C SER B 86 12.25 -0.54 -18.31
N GLU B 87 12.70 0.69 -18.48
CA GLU B 87 12.00 1.82 -17.89
C GLU B 87 12.29 3.12 -18.64
N SER B 88 11.46 4.15 -18.42
CA SER B 88 11.67 5.44 -19.07
C SER B 88 11.05 6.54 -18.23
N ALA B 89 11.58 7.76 -18.37
CA ALA B 89 11.06 8.89 -17.60
C ALA B 89 11.13 10.20 -18.37
N ASP B 90 10.10 11.01 -18.20
CA ASP B 90 9.99 12.31 -18.85
C ASP B 90 8.86 13.00 -18.09
N GLY B 91 8.68 14.29 -18.32
CA GLY B 91 7.63 15.01 -17.62
C GLY B 91 7.58 14.50 -16.18
N ASN B 92 6.40 14.51 -15.58
CA ASN B 92 6.25 13.99 -14.23
C ASN B 92 5.73 12.56 -14.28
N THR B 93 5.91 11.92 -15.43
CA THR B 93 5.45 10.55 -15.64
C THR B 93 6.62 9.56 -15.70
N VAL B 94 6.41 8.38 -15.13
CA VAL B 94 7.42 7.32 -15.13
C VAL B 94 6.79 6.05 -15.72
N ASN B 95 7.34 5.58 -16.83
CA ASN B 95 6.84 4.39 -17.52
C ASN B 95 7.72 3.17 -17.27
N ALA B 96 7.10 2.01 -17.11
CA ALA B 96 7.88 0.79 -16.88
C ALA B 96 7.26 -0.45 -17.51
N ARG B 97 8.08 -1.30 -18.10
CA ARG B 97 7.61 -2.54 -18.72
C ARG B 97 8.34 -3.72 -18.13
N LEU B 98 7.59 -4.71 -17.64
CA LEU B 98 8.17 -5.92 -17.07
C LEU B 98 7.59 -7.09 -17.82
N SER B 99 8.43 -7.98 -18.31
CA SER B 99 7.88 -9.12 -19.02
C SER B 99 8.84 -10.25 -19.26
N SER B 100 8.29 -11.37 -19.72
CA SER B 100 9.06 -12.55 -20.06
C SER B 100 9.52 -12.29 -21.49
N VAL B 101 10.57 -12.97 -21.95
CA VAL B 101 11.06 -12.75 -23.30
C VAL B 101 10.79 -13.90 -24.24
N SER B 102 10.35 -13.56 -25.45
CA SER B 102 10.05 -14.53 -26.50
C SER B 102 11.29 -15.40 -26.72
N PRO B 103 11.12 -16.73 -26.89
CA PRO B 103 12.25 -17.64 -27.11
C PRO B 103 13.00 -17.21 -28.38
N MET B 104 12.20 -16.73 -29.33
CA MET B 104 12.64 -16.25 -30.62
C MET B 104 13.64 -15.09 -30.45
N TYR B 105 13.90 -14.69 -29.21
CA TYR B 105 14.82 -13.59 -28.93
C TYR B 105 16.02 -13.98 -28.08
N GLY B 106 16.18 -15.27 -27.80
CA GLY B 106 17.33 -15.70 -27.01
C GLY B 106 17.07 -16.41 -25.70
N ILE B 107 16.12 -15.93 -24.90
CA ILE B 107 15.84 -16.56 -23.62
C ILE B 107 14.84 -17.71 -23.74
N GLU B 108 15.13 -18.79 -23.01
CA GLU B 108 14.30 -19.99 -23.03
C GLU B 108 13.16 -19.94 -22.01
N SER B 109 11.99 -20.41 -22.44
CA SER B 109 10.81 -20.43 -21.60
C SER B 109 10.11 -21.78 -21.70
N PRO B 110 9.42 -22.19 -20.63
CA PRO B 110 8.71 -23.47 -20.63
C PRO B 110 7.62 -23.54 -21.70
N ALA B 111 7.74 -24.50 -22.61
CA ALA B 111 6.73 -24.67 -23.65
C ALA B 111 5.72 -25.64 -23.05
N ILE B 112 4.52 -25.14 -22.78
CA ILE B 112 3.49 -25.98 -22.16
C ILE B 112 2.29 -26.27 -23.07
N THR B 113 1.40 -27.12 -22.59
CA THR B 113 0.21 -27.54 -23.34
C THR B 113 -0.92 -26.53 -23.29
N HIS B 114 -1.91 -26.71 -24.16
CA HIS B 114 -3.08 -25.84 -24.21
C HIS B 114 -3.78 -25.77 -22.86
N GLU B 115 -3.82 -26.89 -22.15
CA GLU B 115 -4.47 -26.92 -20.84
C GLU B 115 -3.63 -26.23 -19.78
N GLU B 116 -2.37 -26.64 -19.67
CA GLU B 116 -1.47 -26.04 -18.69
C GLU B 116 -1.49 -24.52 -18.91
N ALA B 117 -1.77 -24.12 -20.15
CA ALA B 117 -1.83 -22.71 -20.53
C ALA B 117 -3.02 -22.01 -19.91
N LEU B 118 -4.23 -22.51 -20.17
CA LEU B 118 -5.42 -21.90 -19.61
C LEU B 118 -5.44 -22.06 -18.10
N ALA B 119 -4.64 -23.01 -17.60
CA ALA B 119 -4.54 -23.27 -16.17
C ALA B 119 -3.79 -22.12 -15.51
N MET B 120 -2.65 -21.77 -16.09
CA MET B 120 -1.82 -20.68 -15.59
C MET B 120 -2.56 -19.34 -15.75
N ILE B 121 -3.24 -19.15 -16.88
CA ILE B 121 -3.99 -17.93 -17.09
C ILE B 121 -5.04 -17.81 -15.99
N ASN B 122 -5.28 -18.93 -15.31
CA ASN B 122 -6.25 -18.96 -14.23
C ASN B 122 -5.58 -18.62 -12.89
N ASP B 123 -4.43 -19.24 -12.63
CA ASP B 123 -3.74 -19.01 -11.36
C ASP B 123 -2.98 -17.70 -11.26
N CYS B 124 -2.47 -17.20 -12.39
CA CYS B 124 -1.68 -15.97 -12.42
C CYS B 124 -2.38 -14.73 -11.88
N ALA B 125 -1.66 -14.03 -11.01
CA ALA B 125 -2.14 -12.80 -10.39
C ALA B 125 -1.00 -11.79 -10.26
N VAL B 126 -1.34 -10.51 -10.39
CA VAL B 126 -0.33 -9.44 -10.29
C VAL B 126 -0.75 -8.28 -9.38
N SER B 127 0.10 -7.96 -8.41
CA SER B 127 -0.16 -6.88 -7.48
C SER B 127 0.80 -5.71 -7.70
N ILE B 128 0.30 -4.50 -7.49
CA ILE B 128 1.09 -3.29 -7.65
C ILE B 128 1.24 -2.52 -6.35
N ASN B 129 2.44 -2.00 -6.13
CA ASN B 129 2.72 -1.20 -4.95
C ASN B 129 3.72 -0.14 -5.38
N ILE B 130 3.24 1.09 -5.48
CA ILE B 130 4.07 2.21 -5.91
C ILE B 130 4.28 3.22 -4.78
N LYS B 131 5.54 3.34 -4.34
CA LYS B 131 5.88 4.26 -3.26
C LYS B 131 6.80 5.37 -3.74
N CYS B 132 7.07 6.34 -2.86
CA CYS B 132 7.95 7.46 -3.22
C CYS B 132 9.39 7.08 -2.95
N SER B 133 10.30 7.59 -3.78
CA SER B 133 11.71 7.34 -3.64
C SER B 133 12.49 8.65 -3.57
N GLU B 134 13.53 8.67 -2.74
CA GLU B 134 14.38 9.86 -2.60
C GLU B 134 15.73 9.49 -3.21
N GLU B 135 15.83 8.26 -3.69
CA GLU B 135 17.05 7.75 -4.28
C GLU B 135 17.74 8.68 -5.26
N GLU B 136 18.98 9.00 -4.95
CA GLU B 136 19.82 9.87 -5.76
C GLU B 136 21.06 9.13 -6.22
N LYS B 137 20.98 8.44 -7.35
CA LYS B 137 22.13 7.71 -7.88
C LYS B 137 21.98 7.53 -9.37
N ASP B 138 23.11 7.42 -10.06
CA ASP B 138 23.12 7.24 -11.50
C ASP B 138 22.30 6.02 -11.92
N SER B 139 21.59 6.17 -13.03
CA SER B 139 20.79 5.09 -13.57
C SER B 139 21.73 3.96 -13.97
N ASN B 140 21.34 2.73 -13.69
CA ASN B 140 22.16 1.58 -14.06
C ASN B 140 21.47 0.84 -15.18
N ILE B 141 21.77 1.27 -16.40
CA ILE B 141 21.18 0.69 -17.61
C ILE B 141 22.16 -0.23 -18.32
N LYS B 142 21.63 -1.23 -19.02
CA LYS B 142 22.47 -2.16 -19.76
C LYS B 142 22.67 -1.65 -21.19
N THR B 143 23.78 -2.06 -21.79
CA THR B 143 24.16 -1.66 -23.14
C THR B 143 23.31 -2.35 -24.23
N HIS B 144 22.92 -3.59 -23.96
CA HIS B 144 22.12 -4.39 -24.87
C HIS B 144 20.69 -3.86 -25.04
N PRO B 145 20.14 -3.96 -26.26
CA PRO B 145 18.77 -3.47 -26.49
C PRO B 145 17.77 -4.29 -25.66
N VAL B 146 16.63 -3.70 -25.34
CA VAL B 146 15.62 -4.39 -24.54
C VAL B 146 14.95 -5.54 -25.30
N LEU B 147 14.92 -6.72 -24.66
CA LEU B 147 14.30 -7.90 -25.24
C LEU B 147 12.83 -7.99 -24.85
N GLY B 148 11.96 -8.01 -25.86
CA GLY B 148 10.53 -8.05 -25.60
C GLY B 148 9.88 -9.41 -25.42
N SER B 149 8.59 -9.38 -25.15
CA SER B 149 7.78 -10.59 -24.94
C SER B 149 7.08 -10.99 -26.22
N ASN B 150 7.20 -10.12 -27.23
CA ASN B 150 6.56 -10.35 -28.51
C ASN B 150 5.07 -10.59 -28.30
N ILE B 151 4.51 -9.81 -27.39
CA ILE B 151 3.08 -9.86 -27.04
C ILE B 151 2.56 -8.43 -27.08
N SER B 152 1.74 -8.11 -28.07
CA SER B 152 1.20 -6.77 -28.18
C SER B 152 0.05 -6.56 -27.20
N HIS B 153 -0.13 -5.32 -26.74
CA HIS B 153 -1.19 -5.00 -25.78
C HIS B 153 -2.53 -4.68 -26.45
N LYS B 154 -3.03 -5.65 -27.22
CA LYS B 154 -4.30 -5.51 -27.91
C LYS B 154 -5.43 -5.83 -26.95
N LYS B 155 -6.60 -5.33 -27.31
CA LYS B 155 -7.86 -5.48 -26.58
C LYS B 155 -8.43 -6.89 -26.68
N VAL B 156 -7.63 -7.88 -26.28
CA VAL B 156 -8.05 -9.28 -26.31
C VAL B 156 -8.83 -9.66 -25.05
N ARG B 157 -9.28 -10.91 -25.00
CA ARG B 157 -10.05 -11.44 -23.89
C ARG B 157 -9.79 -10.82 -22.53
N TYR B 158 -10.85 -10.68 -21.74
CA TYR B 158 -10.70 -10.14 -20.41
C TYR B 158 -10.29 -11.29 -19.50
N GLU B 159 -9.47 -10.98 -18.52
CA GLU B 159 -9.03 -11.98 -17.56
C GLU B 159 -8.70 -11.26 -16.26
N ASP B 160 -9.31 -11.70 -15.16
CA ASP B 160 -9.07 -11.09 -13.87
C ASP B 160 -7.66 -11.47 -13.42
N ILE B 161 -6.75 -10.51 -13.49
CA ILE B 161 -5.36 -10.75 -13.14
C ILE B 161 -4.87 -9.85 -12.02
N ILE B 162 -5.06 -8.55 -12.20
CA ILE B 162 -4.63 -7.53 -11.26
C ILE B 162 -5.27 -7.64 -9.87
N GLY B 163 -4.41 -7.77 -8.85
CA GLY B 163 -4.88 -7.86 -7.48
C GLY B 163 -4.85 -6.50 -6.81
N SER B 164 -4.14 -6.42 -5.70
CA SER B 164 -4.06 -5.15 -4.97
C SER B 164 -3.24 -4.12 -5.75
N THR B 165 -3.74 -2.89 -5.80
CA THR B 165 -3.05 -1.80 -6.47
C THR B 165 -2.81 -0.68 -5.45
N ILE B 166 -1.82 -0.89 -4.59
CA ILE B 166 -1.48 0.04 -3.52
C ILE B 166 -0.56 1.19 -3.95
N VAL B 167 -0.99 2.42 -3.70
CA VAL B 167 -0.19 3.61 -4.08
C VAL B 167 0.04 4.63 -2.94
N ASP B 168 1.16 5.34 -3.01
CA ASP B 168 1.49 6.38 -2.04
C ASP B 168 0.92 7.66 -2.66
N ILE B 169 -0.16 8.17 -2.09
CA ILE B 169 -0.83 9.36 -2.60
C ILE B 169 0.01 10.63 -2.53
N LYS B 170 1.15 10.55 -1.86
CA LYS B 170 2.02 11.70 -1.72
C LYS B 170 2.67 12.07 -3.06
N CYS B 171 3.25 11.09 -3.72
CA CYS B 171 3.94 11.32 -4.99
C CYS B 171 3.21 10.75 -6.21
N VAL B 172 2.32 9.77 -5.99
CA VAL B 172 1.58 9.18 -7.10
C VAL B 172 0.28 9.90 -7.39
N LYS B 173 0.24 10.63 -8.52
CA LYS B 173 -0.95 11.36 -8.92
C LYS B 173 -1.89 10.44 -9.71
N ASP B 174 -1.51 10.14 -10.96
CA ASP B 174 -2.31 9.24 -11.77
C ASP B 174 -1.55 7.95 -12.05
N LEU B 175 -2.24 6.98 -12.64
CA LEU B 175 -1.62 5.69 -12.92
C LEU B 175 -2.42 4.90 -13.95
N GLU B 176 -1.69 4.29 -14.89
CA GLU B 176 -2.28 3.45 -15.93
C GLU B 176 -1.50 2.14 -15.98
N PHE B 177 -2.22 1.02 -15.96
CA PHE B 177 -1.57 -0.27 -15.94
C PHE B 177 -2.23 -1.24 -16.91
N SER B 178 -1.44 -2.14 -17.48
CA SER B 178 -1.94 -3.11 -18.43
C SER B 178 -1.13 -4.40 -18.37
N VAL B 179 -1.84 -5.53 -18.26
CA VAL B 179 -1.22 -6.85 -18.21
C VAL B 179 -1.68 -7.76 -19.36
N ARG B 180 -0.73 -8.43 -19.99
CA ARG B 180 -1.03 -9.33 -21.09
C ARG B 180 -0.38 -10.69 -20.88
N ILE B 181 -1.08 -11.72 -21.32
CA ILE B 181 -0.59 -13.09 -21.22
C ILE B 181 -0.93 -13.77 -22.54
N GLY B 182 0.09 -14.15 -23.29
CA GLY B 182 -0.16 -14.82 -24.56
C GLY B 182 1.02 -15.64 -25.01
N ASP B 183 0.97 -16.09 -26.27
CA ASP B 183 2.03 -16.90 -26.86
C ASP B 183 3.10 -15.98 -27.42
N MET B 184 4.31 -16.06 -26.86
CA MET B 184 5.40 -15.20 -27.31
C MET B 184 5.89 -15.54 -28.71
N CYS B 185 5.29 -16.56 -29.33
CA CYS B 185 5.66 -16.99 -30.67
C CYS B 185 4.61 -16.62 -31.72
N LYS B 186 3.34 -16.78 -31.36
CA LYS B 186 2.24 -16.44 -32.25
C LYS B 186 0.94 -16.48 -31.45
N GLU B 187 0.17 -15.41 -31.51
CA GLU B 187 -1.09 -15.34 -30.78
C GLU B 187 -1.93 -16.60 -30.95
N ALA B 188 -2.54 -17.05 -29.86
CA ALA B 188 -3.40 -18.23 -29.84
C ALA B 188 -4.82 -17.77 -29.47
N SER B 189 -5.76 -17.96 -30.39
CA SER B 189 -7.15 -17.53 -30.21
C SER B 189 -7.80 -17.77 -28.84
N GLU B 190 -7.28 -18.72 -28.07
CA GLU B 190 -7.84 -19.02 -26.76
C GLU B 190 -6.91 -18.75 -25.58
N LEU B 191 -5.67 -18.39 -25.86
CA LEU B 191 -4.69 -18.15 -24.79
C LEU B 191 -4.14 -16.72 -24.78
N GLU B 192 -4.98 -15.76 -25.12
CA GLU B 192 -4.59 -14.36 -25.13
C GLU B 192 -5.55 -13.56 -24.26
N VAL B 193 -5.16 -13.31 -23.03
CA VAL B 193 -6.00 -12.55 -22.11
C VAL B 193 -5.34 -11.25 -21.71
N LYS B 194 -6.17 -10.25 -21.39
CA LYS B 194 -5.68 -8.94 -20.99
C LYS B 194 -6.42 -8.44 -19.76
N ASP B 195 -5.91 -7.36 -19.18
CA ASP B 195 -6.50 -6.73 -18.00
C ASP B 195 -5.77 -5.42 -17.82
N GLY B 196 -6.32 -4.54 -16.99
CA GLY B 196 -5.68 -3.26 -16.75
C GLY B 196 -6.69 -2.31 -16.15
N PHE B 197 -6.23 -1.16 -15.64
CA PHE B 197 -7.12 -0.18 -15.05
C PHE B 197 -6.53 1.23 -15.06
N LYS B 198 -7.38 2.21 -15.32
CA LYS B 198 -6.97 3.61 -15.35
C LYS B 198 -7.35 4.33 -14.07
N TYR B 199 -6.37 4.91 -13.39
CA TYR B 199 -6.63 5.67 -12.19
C TYR B 199 -6.23 7.10 -12.53
N ILE B 200 -7.22 7.93 -12.82
CA ILE B 200 -6.96 9.32 -13.19
C ILE B 200 -7.95 10.27 -12.56
N ASP B 201 -7.43 11.37 -12.02
CA ASP B 201 -8.28 12.38 -11.40
C ASP B 201 -9.18 11.79 -10.32
N GLY B 202 -8.70 10.79 -9.61
CA GLY B 202 -9.50 10.18 -8.56
C GLY B 202 -10.39 9.04 -9.00
N SER B 203 -10.71 9.00 -10.29
CA SER B 203 -11.58 7.94 -10.81
C SER B 203 -10.88 6.69 -11.31
N VAL B 204 -11.23 5.55 -10.70
CA VAL B 204 -10.67 4.26 -11.09
C VAL B 204 -11.59 3.60 -12.11
N SER B 205 -11.03 3.16 -13.23
CA SER B 205 -11.80 2.47 -14.27
C SER B 205 -11.04 1.19 -14.66
N GLU B 206 -11.76 0.06 -14.63
CA GLU B 206 -11.14 -1.22 -14.96
C GLU B 206 -11.74 -1.85 -16.21
N GLY B 207 -11.35 -3.10 -16.45
CA GLY B 207 -11.84 -3.84 -17.61
C GLY B 207 -10.77 -4.02 -18.67
N ALA B 208 -11.20 -4.16 -19.91
CA ALA B 208 -10.27 -4.33 -21.02
C ALA B 208 -10.33 -3.17 -22.00
N THR B 209 -9.16 -2.84 -22.55
CA THR B 209 -9.03 -1.76 -23.53
C THR B 209 -7.69 -1.91 -24.24
N ASP B 210 -7.47 -1.09 -25.26
CA ASP B 210 -6.20 -1.16 -26.00
C ASP B 210 -5.18 -0.24 -25.36
N ASP B 211 -3.98 -0.78 -25.14
CA ASP B 211 -2.91 0.00 -24.53
C ASP B 211 -1.58 -0.13 -25.25
N THR B 212 -1.64 -0.17 -26.58
CA THR B 212 -0.42 -0.30 -27.37
C THR B 212 0.27 1.05 -27.48
N SER B 213 -0.46 2.11 -27.11
CA SER B 213 0.06 3.47 -27.18
C SER B 213 0.15 4.11 -25.79
N LEU B 214 0.03 3.30 -24.75
CA LEU B 214 0.09 3.80 -23.38
C LEU B 214 1.47 4.42 -23.16
N ILE B 215 2.51 3.71 -23.57
CA ILE B 215 3.87 4.21 -23.42
C ILE B 215 4.66 4.08 -24.72
N ASP B 216 5.73 4.85 -24.83
CA ASP B 216 6.60 4.80 -26.01
C ASP B 216 7.73 3.82 -25.71
N SER B 217 7.57 2.59 -26.17
CA SER B 217 8.56 1.56 -25.92
C SER B 217 9.95 1.86 -26.47
N THR B 218 10.02 2.59 -27.58
CA THR B 218 11.32 2.92 -28.17
C THR B 218 12.18 3.69 -27.16
N LYS B 219 11.52 4.41 -26.27
CA LYS B 219 12.18 5.20 -25.24
C LYS B 219 12.67 4.32 -24.07
N LEU B 220 11.99 3.21 -23.83
CA LEU B 220 12.36 2.29 -22.76
C LEU B 220 13.84 1.94 -22.77
N LYS B 221 14.40 1.76 -21.57
CA LYS B 221 15.81 1.42 -21.39
C LYS B 221 15.91 0.21 -20.47
N ALA B 222 16.57 -0.85 -20.94
CA ALA B 222 16.74 -2.06 -20.17
C ALA B 222 17.45 -1.84 -18.83
N CYS B 223 16.81 -2.28 -17.74
CA CYS B 223 17.39 -2.12 -16.41
C CYS B 223 18.44 -3.18 -16.11
N VAL B 224 18.82 -3.27 -14.84
CA VAL B 224 19.84 -4.18 -14.34
C VAL B 224 19.59 -5.69 -14.47
N GLY B 225 18.33 -6.12 -14.53
CA GLY B 225 18.04 -7.54 -14.63
C GLY B 225 17.77 -8.08 -16.03
N SER B 226 18.47 -9.16 -16.39
CA SER B 226 18.31 -9.76 -17.71
C SER B 226 19.20 -10.97 -17.94
N LEU B 227 19.08 -11.55 -19.13
CA LEU B 227 19.88 -12.71 -19.53
C LEU B 227 20.41 -12.54 -20.95
N VAL B 228 21.23 -13.47 -21.42
CA VAL B 228 21.76 -13.35 -22.78
C VAL B 228 21.38 -14.50 -23.70
#